data_3IK1
#
_entry.id   3IK1
#
_cell.length_a   77.985
_cell.length_b   77.985
_cell.length_c   224.718
_cell.angle_alpha   90.00
_cell.angle_beta   90.00
_cell.angle_gamma   120.00
#
_symmetry.space_group_name_H-M   'P 61 2 2'
#
loop_
_entity.id
_entity.type
_entity.pdbx_description
1 polymer 'Thymidylate synthase'
2 non-polymer '2-hydroxy-4-(4-methyl-1,3-dioxo-1,3-dihydro-2H-isoindol-2-yl)benzoic acid'
3 non-polymer "2'-DEOXYURIDINE 5'-MONOPHOSPHATE"
4 water water
#
_entity_poly.entity_id   1
_entity_poly.type   'polypeptide(L)'
_entity_poly.pdbx_seq_one_letter_code
;MLEQPYLDLAKKVLDEGHFKPDRTHTGTYSIFGHQMRFDLSKGFPLLTTKKVPFGLIKSELLWFLHGDTNIRFLLQHRNH
IWDEWAFEKWVKSDEYHGPDMTDFGHRSQKDPEFAAVYHEEMAKFDDRVLHDDAFAAKYGDLGLVYGSQWRAWHTSKGDT
IDQLGDVIEQIKTHPYSRRLIVSAWNPEDVPTMALPPCHTLYQFYVNDGKLSLQLYQRSADIFLGVPFNIASYALLTHLV
AHECGLEVGEFIHTFGDAHLYVNHLDQIKEQLSRTPRPAPTLQLNPDKHDIFDFDMKDIKLLNYDPYPAIKAPVAV
;
_entity_poly.pdbx_strand_id   A
#
# COMPACT_ATOMS: atom_id res chain seq x y z
N MET A 1 17.50 4.16 -15.68
CA MET A 1 17.39 3.50 -14.36
C MET A 1 15.96 3.05 -14.05
N LEU A 2 15.90 1.96 -13.33
CA LEU A 2 14.68 1.32 -12.89
C LEU A 2 13.56 2.26 -12.45
N GLU A 3 13.91 3.33 -11.73
CA GLU A 3 12.91 4.20 -11.14
C GLU A 3 12.56 5.46 -11.94
N GLN A 4 13.20 5.67 -13.09
CA GLN A 4 12.95 6.84 -13.94
C GLN A 4 11.45 7.02 -14.25
N PRO A 5 10.68 5.92 -14.46
CA PRO A 5 9.22 6.18 -14.69
C PRO A 5 8.55 6.87 -13.57
N TYR A 6 9.02 6.66 -12.33
CA TYR A 6 8.41 7.40 -11.24
C TYR A 6 8.78 8.88 -11.39
N LEU A 7 10.03 9.20 -11.70
CA LEU A 7 10.44 10.63 -11.82
C LEU A 7 9.74 11.30 -13.03
N ASP A 8 9.65 10.59 -14.15
CA ASP A 8 8.90 11.10 -15.32
C ASP A 8 7.44 11.37 -15.04
N LEU A 9 6.78 10.52 -14.24
CA LEU A 9 5.40 10.75 -13.89
C LEU A 9 5.29 12.01 -13.03
N ALA A 10 6.19 12.14 -12.05
CA ALA A 10 6.13 13.30 -11.19
C ALA A 10 6.34 14.57 -12.03
N LYS A 11 7.31 14.51 -12.91
CA LYS A 11 7.66 15.69 -13.70
C LYS A 11 6.50 16.03 -14.66
N LYS A 12 5.91 15.02 -15.32
CA LYS A 12 4.72 15.20 -16.17
C LYS A 12 3.54 15.83 -15.45
N VAL A 13 3.22 15.39 -14.25
CA VAL A 13 2.15 16.03 -13.51
C VAL A 13 2.50 17.49 -13.13
N LEU A 14 3.77 17.72 -12.82
CA LEU A 14 4.26 19.06 -12.54
C LEU A 14 4.16 19.99 -13.75
N ASP A 15 4.55 19.52 -14.93
CA ASP A 15 4.56 20.32 -16.16
C ASP A 15 3.27 20.29 -16.98
N GLU A 16 2.43 19.27 -16.80
CA GLU A 16 1.24 19.11 -17.68
C GLU A 16 0.00 18.66 -16.92
N GLY A 17 0.03 18.74 -15.61
CA GLY A 17 -1.09 18.29 -14.82
C GLY A 17 -2.27 19.28 -14.91
N HIS A 18 -3.48 18.78 -14.72
CA HIS A 18 -4.67 19.64 -14.71
C HIS A 18 -5.02 19.99 -13.30
N PHE A 19 -5.41 21.25 -13.07
CA PHE A 19 -5.78 21.69 -11.72
C PHE A 19 -7.22 21.38 -11.41
N LYS A 20 -7.47 20.85 -10.22
CA LYS A 20 -8.82 20.61 -9.77
C LYS A 20 -8.93 21.04 -8.30
N PRO A 21 -9.99 21.79 -7.95
CA PRO A 21 -10.14 22.13 -6.55
C PRO A 21 -10.37 20.83 -5.77
N ASP A 22 -9.88 20.77 -4.55
CA ASP A 22 -9.97 19.53 -3.76
C ASP A 22 -10.82 19.80 -2.53
N ARG A 23 -11.56 18.76 -2.15
CA ARG A 23 -12.37 18.68 -0.92
C ARG A 23 -11.81 19.49 0.30
N THR A 24 -10.59 19.16 0.74
CA THR A 24 -9.98 19.81 1.93
C THR A 24 -9.42 21.23 1.69
N HIS A 25 -10.21 22.08 1.01
CA HIS A 25 -9.80 23.44 0.61
C HIS A 25 -8.31 23.56 0.19
N THR A 26 -7.95 22.79 -0.86
CA THR A 26 -6.61 22.81 -1.46
C THR A 26 -6.73 22.82 -3.00
N GLY A 27 -6.27 21.71 -3.58
CA GLY A 27 -6.25 21.52 -5.00
C GLY A 27 -5.20 20.49 -5.37
N THR A 28 -5.46 19.80 -6.47
CA THR A 28 -4.49 18.87 -7.01
C THR A 28 -4.13 19.24 -8.44
N TYR A 29 -3.00 18.73 -8.88
CA TYR A 29 -2.68 18.64 -10.25
C TYR A 29 -2.64 17.14 -10.55
N SER A 30 -3.29 16.74 -11.66
CA SER A 30 -3.43 15.33 -12.02
C SER A 30 -3.39 15.08 -13.50
N ILE A 31 -3.07 13.83 -13.84
CA ILE A 31 -3.29 13.32 -15.17
C ILE A 31 -4.01 11.96 -15.08
N PHE A 32 -4.64 11.55 -16.18
CA PHE A 32 -5.45 10.34 -16.24
C PHE A 32 -4.83 9.32 -17.18
N GLY A 33 -4.74 8.09 -16.76
CA GLY A 33 -4.35 7.03 -17.65
C GLY A 33 -2.86 6.76 -17.80
N HIS A 34 -2.03 7.41 -16.99
CA HIS A 34 -0.59 7.14 -17.05
C HIS A 34 -0.18 5.71 -16.61
N GLN A 35 0.84 5.15 -17.28
CA GLN A 35 1.37 3.86 -16.94
C GLN A 35 2.87 3.89 -16.62
N MET A 36 3.36 3.06 -15.65
CA MET A 36 4.80 2.86 -15.45
C MET A 36 5.17 1.39 -15.57
N ARG A 37 6.32 1.10 -16.17
CA ARG A 37 6.79 -0.27 -16.13
C ARG A 37 8.13 -0.42 -15.46
N PHE A 38 8.32 -1.57 -14.84
CA PHE A 38 9.54 -1.86 -14.08
C PHE A 38 9.89 -3.30 -14.34
N ASP A 39 11.03 -3.48 -14.98
CA ASP A 39 11.52 -4.82 -15.26
C ASP A 39 12.20 -5.27 -13.96
N LEU A 40 11.60 -6.25 -13.32
CA LEU A 40 12.03 -6.67 -11.99
C LEU A 40 13.31 -7.52 -12.00
N SER A 41 13.75 -7.93 -13.19
CA SER A 41 15.04 -8.59 -13.30
C SER A 41 16.22 -7.61 -13.16
N LYS A 42 15.97 -6.31 -13.26
CA LYS A 42 17.05 -5.32 -13.23
C LYS A 42 17.34 -4.81 -11.84
N GLY A 43 16.53 -5.25 -10.89
CA GLY A 43 16.68 -4.78 -9.51
C GLY A 43 15.31 -4.61 -8.94
N PHE A 44 15.24 -4.29 -7.67
CA PHE A 44 14.02 -4.06 -6.96
C PHE A 44 13.67 -2.56 -6.91
N PRO A 45 12.48 -2.16 -7.38
CA PRO A 45 12.17 -0.72 -7.55
C PRO A 45 11.78 -0.02 -6.26
N LEU A 46 12.65 -0.08 -5.26
CA LEU A 46 12.40 0.75 -4.10
C LEU A 46 13.11 2.07 -4.41
N LEU A 47 12.45 3.22 -4.26
CA LEU A 47 13.04 4.47 -4.73
C LEU A 47 14.38 4.78 -4.03
N THR A 48 15.41 5.03 -4.84
CA THR A 48 16.68 5.54 -4.31
C THR A 48 16.69 7.03 -4.07
N THR A 49 15.81 7.79 -4.75
CA THR A 49 15.86 9.25 -4.70
C THR A 49 15.17 9.85 -3.49
N LYS A 50 14.65 8.97 -2.65
CA LYS A 50 14.02 9.34 -1.39
C LYS A 50 13.94 8.05 -0.58
N LYS A 51 14.30 8.10 0.71
CA LYS A 51 14.24 6.88 1.49
C LYS A 51 12.78 6.45 1.67
N VAL A 52 12.52 5.19 1.32
CA VAL A 52 11.21 4.62 1.51
C VAL A 52 11.39 3.45 2.51
N PRO A 53 10.58 3.40 3.60
CA PRO A 53 10.78 2.36 4.68
C PRO A 53 10.27 0.94 4.33
N PHE A 54 11.19 0.12 3.90
CA PHE A 54 10.83 -1.15 3.40
C PHE A 54 10.15 -2.03 4.47
N GLY A 55 10.51 -1.83 5.74
CA GLY A 55 9.93 -2.62 6.82
C GLY A 55 8.44 -2.42 7.00
N LEU A 56 7.97 -1.21 6.80
CA LEU A 56 6.56 -0.91 6.86
C LEU A 56 5.75 -1.54 5.67
N ILE A 57 6.38 -1.61 4.52
CA ILE A 57 5.83 -2.22 3.33
C ILE A 57 5.75 -3.74 3.52
N LYS A 58 6.85 -4.36 3.91
CA LYS A 58 6.89 -5.77 4.26
C LYS A 58 5.78 -6.09 5.25
N SER A 59 5.70 -5.35 6.33
CA SER A 59 4.74 -5.78 7.35
C SER A 59 3.32 -5.59 6.88
N GLU A 60 3.04 -4.45 6.23
CA GLU A 60 1.69 -4.23 5.65
C GLU A 60 1.34 -5.35 4.64
N LEU A 61 2.28 -5.72 3.80
CA LEU A 61 1.95 -6.71 2.79
C LEU A 61 1.68 -8.05 3.48
N LEU A 62 2.44 -8.39 4.52
CA LEU A 62 2.25 -9.69 5.21
C LEU A 62 0.91 -9.70 5.91
N TRP A 63 0.54 -8.56 6.48
CA TRP A 63 -0.78 -8.37 7.03
C TRP A 63 -1.89 -8.76 6.03
N PHE A 64 -1.85 -8.14 4.83
CA PHE A 64 -2.82 -8.43 3.77
C PHE A 64 -2.84 -9.93 3.46
N LEU A 65 -1.65 -10.52 3.35
CA LEU A 65 -1.44 -11.90 2.95
C LEU A 65 -1.95 -12.95 3.97
N HIS A 66 -2.21 -12.51 5.21
CA HIS A 66 -2.86 -13.30 6.29
C HIS A 66 -4.36 -13.15 6.26
N GLY A 67 -4.84 -12.27 5.38
CA GLY A 67 -6.25 -11.94 5.37
C GLY A 67 -6.63 -11.15 6.61
N ASP A 68 -5.65 -10.57 7.29
CA ASP A 68 -5.88 -9.88 8.59
C ASP A 68 -6.25 -8.43 8.37
N THR A 69 -7.25 -7.95 9.07
CA THR A 69 -7.66 -6.54 9.04
C THR A 69 -7.57 -5.90 10.42
N ASN A 70 -6.90 -6.58 11.38
CA ASN A 70 -6.70 -5.99 12.70
C ASN A 70 -5.39 -5.26 12.84
N ILE A 71 -5.42 -3.97 13.14
CA ILE A 71 -4.12 -3.24 13.23
C ILE A 71 -3.14 -3.79 14.32
N ARG A 72 -3.65 -4.58 15.26
CA ARG A 72 -2.79 -5.20 16.25
C ARG A 72 -1.55 -5.81 15.64
N PHE A 73 -1.70 -6.64 14.63
CA PHE A 73 -0.54 -7.26 13.96
C PHE A 73 0.51 -6.20 13.49
N LEU A 74 -0.01 -5.06 13.01
CA LEU A 74 0.86 -4.00 12.51
C LEU A 74 1.55 -3.33 13.72
N LEU A 75 0.77 -3.00 14.76
CA LEU A 75 1.36 -2.46 15.99
C LEU A 75 2.54 -3.32 16.50
N GLN A 76 2.35 -4.64 16.46
CA GLN A 76 3.40 -5.62 16.82
C GLN A 76 4.61 -5.64 15.91
N HIS A 77 4.53 -4.95 14.77
CA HIS A 77 5.69 -4.87 13.90
C HIS A 77 6.17 -3.45 13.79
N ARG A 78 5.58 -2.59 14.59
CA ARG A 78 6.00 -1.20 14.75
C ARG A 78 5.58 -0.37 13.54
N ASN A 79 4.40 -0.69 13.04
CA ASN A 79 3.89 -0.12 11.81
C ASN A 79 2.60 0.60 12.16
N HIS A 80 2.61 1.92 12.00
CA HIS A 80 1.48 2.73 12.41
C HIS A 80 0.72 3.26 11.19
N ILE A 81 1.06 2.78 10.00
CA ILE A 81 0.47 3.36 8.76
C ILE A 81 -1.04 3.22 8.59
N TRP A 82 -1.64 2.27 9.32
CA TRP A 82 -3.11 2.16 9.28
C TRP A 82 -3.82 2.73 10.51
N ASP A 83 -3.06 3.17 11.52
CA ASP A 83 -3.61 3.58 12.82
C ASP A 83 -4.83 4.50 12.74
N GLU A 84 -4.72 5.52 11.90
CA GLU A 84 -5.60 6.68 11.90
C GLU A 84 -7.06 6.34 11.62
N TRP A 85 -7.33 5.45 10.67
CA TRP A 85 -8.71 5.04 10.34
C TRP A 85 -9.39 4.22 11.42
N ALA A 86 -8.57 3.59 12.27
CA ALA A 86 -9.03 2.84 13.44
C ALA A 86 -9.19 3.79 14.59
N PHE A 87 -8.19 4.65 14.78
CA PHE A 87 -8.27 5.68 15.80
C PHE A 87 -9.56 6.47 15.59
N GLU A 88 -9.85 6.75 14.32
CA GLU A 88 -11.02 7.52 13.91
C GLU A 88 -12.35 6.88 14.32
N LYS A 89 -12.42 5.55 14.28
CA LYS A 89 -13.67 4.83 14.55
C LYS A 89 -13.93 4.65 16.04
N TRP A 90 -12.88 4.73 16.86
CA TRP A 90 -13.01 4.64 18.31
C TRP A 90 -13.29 6.00 18.92
N VAL A 91 -12.66 7.02 18.34
CA VAL A 91 -12.81 8.39 18.79
C VAL A 91 -14.20 8.94 18.45
N LYS A 92 -14.91 8.23 17.57
CA LYS A 92 -16.24 8.63 17.15
C LYS A 92 -17.29 7.90 17.99
N SER A 93 -16.83 7.05 18.89
CA SER A 93 -17.75 6.16 19.62
C SER A 93 -18.05 6.55 21.10
N ASP A 94 -18.87 5.72 21.73
CA ASP A 94 -19.50 5.98 23.02
C ASP A 94 -18.57 5.71 24.19
N GLU A 95 -17.63 4.80 23.98
CA GLU A 95 -16.70 4.36 25.03
C GLU A 95 -15.58 5.39 25.28
N TYR A 96 -15.49 6.39 24.39
CA TYR A 96 -14.40 7.38 24.37
C TYR A 96 -14.59 8.56 25.34
N HIS A 97 -13.61 8.77 26.24
CA HIS A 97 -13.74 9.79 27.29
C HIS A 97 -12.53 10.74 27.43
N GLY A 98 -12.12 11.33 26.31
CA GLY A 98 -11.04 12.32 26.29
C GLY A 98 -11.44 13.57 25.51
N PRO A 99 -10.46 14.46 25.26
CA PRO A 99 -10.65 15.74 24.52
C PRO A 99 -11.42 15.59 23.21
N ASP A 100 -12.01 16.70 22.75
CA ASP A 100 -13.02 16.69 21.65
C ASP A 100 -12.54 16.23 20.27
N MET A 101 -11.53 16.92 19.73
CA MET A 101 -10.89 16.58 18.46
C MET A 101 -11.77 16.03 17.31
N THR A 102 -12.74 16.83 16.89
CA THR A 102 -13.48 16.54 15.66
C THR A 102 -12.54 16.89 14.50
N ASP A 103 -12.45 15.99 13.52
CA ASP A 103 -11.44 16.04 12.46
C ASP A 103 -10.07 16.46 13.00
N PHE A 104 -9.50 15.55 13.79
CA PHE A 104 -8.15 15.64 14.36
C PHE A 104 -7.07 15.73 13.29
N GLY A 105 -7.42 15.38 12.04
CA GLY A 105 -6.49 15.35 10.91
C GLY A 105 -6.18 16.71 10.29
N HIS A 106 -7.17 17.60 10.32
CA HIS A 106 -6.98 18.98 9.88
C HIS A 106 -6.23 19.78 10.95
N ARG A 107 -6.74 19.73 12.18
CA ARG A 107 -6.09 20.35 13.33
C ARG A 107 -4.75 19.69 13.67
N SER A 108 -4.47 18.54 13.03
CA SER A 108 -3.26 17.73 13.25
C SER A 108 -1.97 18.55 13.16
N GLN A 109 -1.55 18.90 11.94
CA GLN A 109 -0.41 19.80 11.82
C GLN A 109 -0.87 21.24 11.66
N LYS A 110 -1.18 21.85 12.80
CA LYS A 110 -1.41 23.28 12.94
C LYS A 110 -0.76 23.72 14.26
N ASP A 111 -1.57 23.89 15.30
CA ASP A 111 -1.09 24.29 16.63
C ASP A 111 -0.36 23.16 17.37
N PRO A 112 0.85 23.44 17.90
CA PRO A 112 1.59 22.46 18.70
C PRO A 112 0.91 22.11 20.04
N GLU A 113 -0.19 22.78 20.34
CA GLU A 113 -0.98 22.57 21.57
C GLU A 113 -1.75 21.25 21.55
N PHE A 114 -2.70 21.15 20.62
CA PHE A 114 -3.51 19.94 20.42
C PHE A 114 -2.66 18.75 19.95
N ALA A 115 -1.64 19.03 19.14
CA ALA A 115 -0.73 18.01 18.58
C ALA A 115 0.07 17.22 19.63
N ALA A 116 0.01 17.64 20.89
CA ALA A 116 0.63 16.90 22.00
C ALA A 116 -0.42 16.03 22.68
N VAL A 117 -1.66 16.52 22.69
CA VAL A 117 -2.80 15.84 23.28
C VAL A 117 -3.18 14.59 22.44
N TYR A 118 -3.34 14.81 21.14
CA TYR A 118 -3.64 13.75 20.16
C TYR A 118 -2.59 12.64 20.13
N HIS A 119 -1.30 13.00 20.08
CA HIS A 119 -0.22 12.01 20.03
C HIS A 119 -0.20 11.03 21.21
N GLU A 120 -0.66 11.51 22.38
CA GLU A 120 -0.81 10.67 23.58
C GLU A 120 -2.11 9.83 23.59
N GLU A 121 -3.21 10.41 23.09
CA GLU A 121 -4.46 9.66 22.84
C GLU A 121 -4.28 8.50 21.86
N MET A 122 -3.49 8.73 20.80
CA MET A 122 -3.13 7.70 19.83
C MET A 122 -2.18 6.69 20.45
N ALA A 123 -1.37 7.15 21.40
CA ALA A 123 -0.40 6.28 22.07
C ALA A 123 -1.06 5.36 23.10
N LYS A 124 -2.24 5.75 23.59
CA LYS A 124 -3.02 4.94 24.55
C LYS A 124 -3.85 3.89 23.82
N PHE A 125 -4.60 4.36 22.83
CA PHE A 125 -5.25 3.53 21.82
C PHE A 125 -4.35 2.38 21.34
N ASP A 126 -3.19 2.72 20.78
CA ASP A 126 -2.24 1.70 20.33
C ASP A 126 -1.92 0.64 21.39
N ASP A 127 -1.85 1.07 22.63
CA ASP A 127 -1.46 0.18 23.68
C ASP A 127 -2.64 -0.66 24.18
N ARG A 128 -3.82 -0.06 24.25
CA ARG A 128 -5.02 -0.82 24.54
C ARG A 128 -5.16 -1.94 23.47
N VAL A 129 -5.18 -1.53 22.20
CA VAL A 129 -5.32 -2.45 21.09
C VAL A 129 -4.31 -3.60 21.18
N LEU A 130 -3.11 -3.29 21.65
CA LEU A 130 -2.07 -4.30 21.83
C LEU A 130 -2.34 -5.35 22.91
N HIS A 131 -2.99 -4.98 24.00
CA HIS A 131 -3.07 -5.88 25.16
C HIS A 131 -4.47 -6.24 25.61
N ASP A 132 -5.49 -5.60 25.03
CA ASP A 132 -6.88 -5.79 25.41
C ASP A 132 -7.67 -6.43 24.25
N ASP A 133 -7.74 -7.77 24.26
CA ASP A 133 -8.32 -8.59 23.18
C ASP A 133 -9.69 -8.11 22.76
N ALA A 134 -10.52 -7.81 23.76
CA ALA A 134 -11.86 -7.30 23.53
C ALA A 134 -11.86 -5.90 22.88
N PHE A 135 -10.92 -5.05 23.32
CA PHE A 135 -10.83 -3.72 22.75
C PHE A 135 -10.33 -3.82 21.31
N ALA A 136 -9.31 -4.66 21.11
CA ALA A 136 -8.74 -4.95 19.81
C ALA A 136 -9.79 -5.50 18.83
N ALA A 137 -10.64 -6.41 19.32
CA ALA A 137 -11.68 -7.02 18.50
C ALA A 137 -12.64 -5.95 18.02
N LYS A 138 -12.92 -5.00 18.90
CA LYS A 138 -13.89 -3.95 18.65
C LYS A 138 -13.30 -2.79 17.80
N TYR A 139 -12.14 -2.26 18.16
CA TYR A 139 -11.58 -1.09 17.44
C TYR A 139 -10.33 -1.35 16.58
N GLY A 140 -9.62 -2.44 16.85
CA GLY A 140 -8.44 -2.82 16.08
C GLY A 140 -8.79 -3.26 14.64
N ASP A 141 -10.03 -3.71 14.43
CA ASP A 141 -10.42 -4.37 13.17
C ASP A 141 -10.97 -3.33 12.19
N LEU A 142 -10.28 -3.14 11.07
CA LEU A 142 -10.73 -2.11 10.08
C LEU A 142 -11.87 -2.56 9.17
N GLY A 143 -12.06 -3.86 9.03
CA GLY A 143 -13.22 -4.42 8.35
C GLY A 143 -12.90 -4.66 6.89
N LEU A 144 -13.34 -3.77 6.02
CA LEU A 144 -13.14 -3.97 4.61
C LEU A 144 -11.83 -3.33 4.10
N VAL A 145 -10.69 -3.97 4.34
CA VAL A 145 -9.41 -3.49 3.80
C VAL A 145 -8.86 -4.62 2.96
N TYR A 146 -7.69 -4.43 2.37
CA TYR A 146 -7.14 -5.37 1.43
C TYR A 146 -7.13 -6.80 1.91
N GLY A 147 -6.83 -7.02 3.20
CA GLY A 147 -6.79 -8.37 3.71
C GLY A 147 -8.11 -9.13 3.45
N SER A 148 -9.25 -8.50 3.73
CA SER A 148 -10.50 -9.13 3.48
C SER A 148 -10.86 -9.25 1.98
N GLN A 149 -10.59 -8.20 1.18
CA GLN A 149 -10.92 -8.28 -0.25
C GLN A 149 -10.08 -9.32 -0.92
N TRP A 150 -8.82 -9.40 -0.58
CA TRP A 150 -8.01 -10.33 -1.30
C TRP A 150 -8.27 -11.82 -0.92
N ARG A 151 -8.55 -12.07 0.36
CA ARG A 151 -8.50 -13.44 0.91
C ARG A 151 -9.80 -13.89 1.57
N ALA A 152 -10.75 -13.01 1.73
CA ALA A 152 -12.02 -13.39 2.38
C ALA A 152 -13.15 -12.54 1.83
N TRP A 153 -13.35 -12.61 0.53
CA TRP A 153 -14.35 -11.78 -0.13
C TRP A 153 -15.72 -12.33 0.28
N HIS A 154 -16.61 -11.46 0.74
CA HIS A 154 -17.90 -11.89 1.28
C HIS A 154 -18.94 -12.11 0.16
N THR A 155 -19.44 -13.34 0.09
CA THR A 155 -20.38 -13.67 -0.97
C THR A 155 -21.80 -13.49 -0.51
N SER A 156 -22.70 -13.43 -1.47
CA SER A 156 -24.14 -13.23 -1.24
C SER A 156 -24.74 -14.34 -0.34
N LYS A 157 -24.15 -15.52 -0.40
CA LYS A 157 -24.64 -16.66 0.33
C LYS A 157 -24.10 -16.70 1.76
N GLY A 158 -23.61 -15.55 2.25
CA GLY A 158 -22.98 -15.51 3.55
C GLY A 158 -21.61 -16.21 3.65
N ASP A 159 -21.09 -16.75 2.56
CA ASP A 159 -19.77 -17.39 2.61
C ASP A 159 -18.63 -16.40 2.31
N THR A 160 -17.46 -16.93 2.05
CA THR A 160 -16.30 -16.10 1.95
C THR A 160 -15.32 -16.71 0.95
N ILE A 161 -14.73 -15.90 0.07
CA ILE A 161 -13.78 -16.46 -0.93
C ILE A 161 -12.34 -15.93 -0.83
N ASP A 162 -11.40 -16.84 -0.91
CA ASP A 162 -9.99 -16.53 -1.02
C ASP A 162 -9.52 -16.30 -2.46
N GLN A 163 -9.79 -15.12 -3.02
CA GLN A 163 -9.42 -14.79 -4.39
C GLN A 163 -7.96 -15.01 -4.65
N LEU A 164 -7.10 -14.45 -3.80
CA LEU A 164 -5.66 -14.56 -4.05
C LEU A 164 -5.19 -16.01 -3.97
N GLY A 165 -5.59 -16.74 -2.93
CA GLY A 165 -5.24 -18.19 -2.83
C GLY A 165 -5.71 -18.94 -4.08
N ASP A 166 -6.95 -18.71 -4.48
CA ASP A 166 -7.40 -19.42 -5.70
C ASP A 166 -6.59 -18.97 -6.91
N VAL A 167 -6.29 -17.65 -7.02
CA VAL A 167 -5.45 -17.21 -8.16
C VAL A 167 -4.11 -17.92 -8.18
N ILE A 168 -3.45 -18.01 -7.03
CA ILE A 168 -2.11 -18.59 -7.01
C ILE A 168 -2.14 -20.08 -7.44
N GLU A 169 -3.14 -20.81 -6.96
CA GLU A 169 -3.30 -22.19 -7.41
C GLU A 169 -3.45 -22.24 -8.96
N GLN A 170 -4.24 -21.33 -9.54
CA GLN A 170 -4.32 -21.19 -11.03
C GLN A 170 -2.98 -20.91 -11.70
N ILE A 171 -2.12 -20.09 -11.08
CA ILE A 171 -0.84 -19.82 -11.73
C ILE A 171 -0.04 -21.10 -11.83
N LYS A 172 -0.14 -21.92 -10.79
CA LYS A 172 0.59 -23.17 -10.76
C LYS A 172 0.05 -24.19 -11.77
N THR A 173 -1.26 -24.22 -12.01
CA THR A 173 -1.87 -25.26 -12.88
C THR A 173 -2.18 -24.76 -14.31
N HIS A 174 -2.67 -23.53 -14.41
CA HIS A 174 -2.95 -22.87 -15.70
C HIS A 174 -2.23 -21.51 -15.81
N PRO A 175 -0.90 -21.54 -15.97
CA PRO A 175 -0.08 -20.32 -16.06
C PRO A 175 -0.47 -19.34 -17.18
N TYR A 176 -1.04 -19.86 -18.25
CA TYR A 176 -1.38 -19.02 -19.39
C TYR A 176 -2.83 -18.54 -19.34
N SER A 177 -3.53 -18.83 -18.23
CA SER A 177 -4.86 -18.29 -18.07
C SER A 177 -4.82 -16.75 -18.22
N ARG A 178 -5.91 -16.21 -18.75
CA ARG A 178 -6.12 -14.79 -18.92
C ARG A 178 -7.10 -14.30 -17.89
N ARG A 179 -7.27 -15.10 -16.85
CA ARG A 179 -8.22 -14.78 -15.78
C ARG A 179 -7.51 -14.73 -14.42
N LEU A 180 -6.22 -14.43 -14.41
CA LEU A 180 -5.48 -14.42 -13.14
C LEU A 180 -5.63 -13.06 -12.43
N ILE A 181 -6.84 -12.80 -11.92
CA ILE A 181 -7.29 -11.48 -11.45
C ILE A 181 -7.76 -11.53 -10.01
N VAL A 182 -7.39 -10.47 -9.27
CA VAL A 182 -7.83 -10.26 -7.92
C VAL A 182 -8.39 -8.86 -7.95
N SER A 183 -9.64 -8.73 -7.53
CA SER A 183 -10.25 -7.40 -7.47
C SER A 183 -10.44 -6.98 -6.02
N ALA A 184 -10.34 -5.69 -5.72
CA ALA A 184 -10.62 -5.17 -4.38
C ALA A 184 -11.84 -4.26 -4.43
N TRP A 185 -12.48 -4.19 -5.60
CA TRP A 185 -13.60 -3.28 -5.82
C TRP A 185 -14.94 -4.01 -5.73
N ASN A 186 -15.72 -3.70 -4.70
CA ASN A 186 -16.95 -4.44 -4.41
C ASN A 186 -18.05 -3.46 -4.52
N PRO A 187 -18.79 -3.48 -5.67
CA PRO A 187 -19.85 -2.49 -5.90
C PRO A 187 -20.90 -2.42 -4.75
N GLU A 188 -21.12 -3.50 -4.03
CA GLU A 188 -22.03 -3.43 -2.85
C GLU A 188 -21.49 -2.59 -1.62
N ASP A 189 -20.17 -2.57 -1.41
CA ASP A 189 -19.59 -1.89 -0.25
C ASP A 189 -19.18 -0.46 -0.53
N VAL A 190 -18.71 -0.26 -1.76
CA VAL A 190 -18.12 0.97 -2.22
C VAL A 190 -19.00 2.22 -1.96
N PRO A 191 -20.33 2.08 -1.94
CA PRO A 191 -21.11 3.28 -1.64
C PRO A 191 -21.02 3.70 -0.17
N THR A 192 -20.66 2.80 0.73
CA THR A 192 -20.64 3.23 2.13
C THR A 192 -19.31 3.13 2.84
N MET A 193 -18.51 2.12 2.49
CA MET A 193 -17.23 1.95 3.12
C MET A 193 -16.44 3.25 3.27
N ALA A 194 -15.64 3.29 4.34
CA ALA A 194 -14.73 4.42 4.63
C ALA A 194 -13.72 4.67 3.52
N LEU A 195 -13.20 3.61 2.93
CA LEU A 195 -12.14 3.75 1.95
C LEU A 195 -12.29 2.85 0.70
N PRO A 196 -13.07 3.31 -0.30
CA PRO A 196 -13.12 2.51 -1.57
C PRO A 196 -11.66 2.27 -2.05
N PRO A 197 -11.31 1.03 -2.33
CA PRO A 197 -9.90 0.75 -2.47
C PRO A 197 -9.26 1.46 -3.70
N CYS A 198 -8.07 2.00 -3.45
CA CYS A 198 -7.31 2.77 -4.40
C CYS A 198 -6.60 1.77 -5.28
N HIS A 199 -6.28 0.59 -4.74
CA HIS A 199 -5.61 -0.42 -5.53
C HIS A 199 -6.66 -1.39 -5.99
N THR A 200 -7.29 -0.99 -7.10
CA THR A 200 -8.57 -1.47 -7.51
C THR A 200 -8.53 -2.91 -7.92
N LEU A 201 -7.54 -3.29 -8.71
CA LEU A 201 -7.48 -4.65 -9.20
C LEU A 201 -6.15 -4.98 -9.77
N TYR A 202 -5.82 -6.27 -9.81
CA TYR A 202 -4.57 -6.61 -10.43
C TYR A 202 -4.65 -7.89 -11.13
N GLN A 203 -3.73 -8.10 -12.04
CA GLN A 203 -3.75 -9.28 -12.86
C GLN A 203 -2.33 -9.78 -13.06
N PHE A 204 -2.14 -11.10 -13.01
CA PHE A 204 -0.87 -11.76 -13.42
C PHE A 204 -0.86 -12.27 -14.82
N TYR A 205 0.35 -12.51 -15.32
CA TYR A 205 0.58 -13.02 -16.66
C TYR A 205 1.92 -13.69 -16.64
N VAL A 206 1.99 -14.84 -17.33
CA VAL A 206 3.22 -15.62 -17.37
C VAL A 206 3.69 -15.80 -18.77
N ASN A 207 5.00 -15.65 -18.99
CA ASN A 207 5.61 -15.98 -20.26
C ASN A 207 7.06 -16.34 -20.04
N ASP A 208 7.54 -17.36 -20.74
CA ASP A 208 8.96 -17.76 -20.64
C ASP A 208 9.41 -17.91 -19.18
N GLY A 209 8.56 -18.51 -18.38
CA GLY A 209 8.91 -18.82 -17.02
C GLY A 209 8.99 -17.60 -16.12
N LYS A 210 8.56 -16.43 -16.62
CA LYS A 210 8.56 -15.20 -15.81
C LYS A 210 7.17 -14.72 -15.45
N LEU A 211 6.98 -14.27 -14.23
CA LEU A 211 5.67 -13.80 -13.77
C LEU A 211 5.59 -12.28 -13.77
N SER A 212 4.61 -11.72 -14.50
CA SER A 212 4.35 -10.30 -14.49
C SER A 212 3.07 -10.02 -13.73
N LEU A 213 2.93 -8.79 -13.27
CA LEU A 213 1.75 -8.31 -12.61
C LEU A 213 1.43 -6.92 -13.11
N GLN A 214 0.14 -6.66 -13.36
CA GLN A 214 -0.31 -5.31 -13.66
C GLN A 214 -1.32 -4.95 -12.60
N LEU A 215 -1.21 -3.74 -12.07
CA LEU A 215 -2.15 -3.20 -11.10
C LEU A 215 -2.90 -2.06 -11.73
N TYR A 216 -4.21 -1.99 -11.51
CA TYR A 216 -4.95 -0.81 -11.92
C TYR A 216 -5.18 -0.05 -10.67
N GLN A 217 -4.69 1.19 -10.62
CA GLN A 217 -4.82 1.98 -9.44
C GLN A 217 -5.61 3.23 -9.76
N ARG A 218 -6.83 3.30 -9.21
CA ARG A 218 -7.81 4.27 -9.67
C ARG A 218 -7.43 5.68 -9.26
N SER A 219 -6.63 5.81 -8.20
CA SER A 219 -6.29 7.11 -7.65
C SER A 219 -4.97 6.99 -6.89
N ALA A 220 -4.10 8.00 -7.06
CA ALA A 220 -2.71 7.87 -6.58
C ALA A 220 -2.11 9.21 -6.12
N ASP A 221 -1.62 9.25 -4.86
CA ASP A 221 -0.84 10.38 -4.30
C ASP A 221 0.56 10.12 -4.76
N ILE A 222 0.94 10.81 -5.80
CA ILE A 222 2.23 10.54 -6.46
C ILE A 222 3.45 10.66 -5.48
N PHE A 223 3.36 11.59 -4.56
CA PHE A 223 4.51 11.92 -3.71
C PHE A 223 4.54 11.00 -2.49
N LEU A 224 3.46 11.01 -1.72
CA LEU A 224 3.34 10.15 -0.55
C LEU A 224 3.06 8.67 -0.86
N GLY A 225 2.07 8.33 -1.72
CA GLY A 225 1.62 6.93 -1.80
C GLY A 225 2.34 6.11 -2.82
N VAL A 226 2.55 6.69 -4.01
CA VAL A 226 3.06 5.88 -5.11
C VAL A 226 4.35 5.13 -4.79
N PRO A 227 5.33 5.83 -4.16
CA PRO A 227 6.57 5.09 -3.88
C PRO A 227 6.37 3.84 -2.98
N PHE A 228 5.49 3.92 -1.99
CA PHE A 228 5.11 2.70 -1.22
C PHE A 228 4.41 1.66 -2.10
N ASN A 229 3.43 2.15 -2.88
CA ASN A 229 2.55 1.30 -3.73
C ASN A 229 3.45 0.52 -4.68
N ILE A 230 4.43 1.19 -5.31
CA ILE A 230 5.28 0.47 -6.24
C ILE A 230 5.99 -0.68 -5.54
N ALA A 231 6.49 -0.41 -4.35
CA ALA A 231 7.31 -1.45 -3.66
C ALA A 231 6.40 -2.57 -3.18
N SER A 232 5.18 -2.28 -2.68
CA SER A 232 4.29 -3.41 -2.25
C SER A 232 3.99 -4.40 -3.33
N TYR A 233 3.62 -3.90 -4.50
CA TYR A 233 3.24 -4.78 -5.65
C TYR A 233 4.42 -5.42 -6.33
N ALA A 234 5.55 -4.73 -6.35
CA ALA A 234 6.79 -5.44 -6.80
C ALA A 234 7.14 -6.57 -5.85
N LEU A 235 7.05 -6.33 -4.54
CA LEU A 235 7.29 -7.39 -3.56
C LEU A 235 6.22 -8.50 -3.75
N LEU A 236 4.93 -8.10 -3.80
CA LEU A 236 3.86 -9.11 -4.07
C LEU A 236 4.23 -9.97 -5.27
N THR A 237 4.66 -9.31 -6.35
CA THR A 237 5.06 -10.06 -7.54
C THR A 237 6.17 -11.03 -7.28
N HIS A 238 7.22 -10.61 -6.56
CA HIS A 238 8.33 -11.56 -6.26
C HIS A 238 7.85 -12.73 -5.39
N LEU A 239 7.01 -12.44 -4.40
CA LEU A 239 6.54 -13.44 -3.45
C LEU A 239 5.70 -14.49 -4.17
N VAL A 240 4.75 -14.06 -5.02
CA VAL A 240 3.96 -15.01 -5.79
C VAL A 240 4.83 -15.83 -6.75
N ALA A 241 5.82 -15.17 -7.36
CA ALA A 241 6.74 -15.84 -8.29
C ALA A 241 7.53 -16.90 -7.57
N HIS A 242 7.85 -16.61 -6.31
CA HIS A 242 8.66 -17.51 -5.46
C HIS A 242 7.86 -18.76 -5.10
N GLU A 243 6.62 -18.56 -4.64
CA GLU A 243 5.73 -19.64 -4.30
C GLU A 243 5.42 -20.57 -5.47
N CYS A 244 5.33 -20.00 -6.66
CA CYS A 244 5.11 -20.75 -7.90
C CYS A 244 6.33 -21.25 -8.60
N GLY A 245 7.53 -20.95 -8.09
CA GLY A 245 8.72 -21.43 -8.75
C GLY A 245 9.01 -20.74 -10.08
N LEU A 246 8.59 -19.49 -10.23
CA LEU A 246 8.88 -18.78 -11.51
C LEU A 246 9.89 -17.68 -11.30
N GLU A 247 10.49 -17.24 -12.41
CA GLU A 247 11.29 -16.04 -12.40
C GLU A 247 10.33 -14.82 -12.38
N VAL A 248 10.88 -13.64 -12.25
CA VAL A 248 10.11 -12.44 -12.14
C VAL A 248 10.18 -11.62 -13.46
N GLY A 249 9.04 -11.02 -13.85
CA GLY A 249 8.88 -10.39 -15.16
C GLY A 249 8.75 -8.87 -15.01
N GLU A 250 7.65 -8.28 -15.53
CA GLU A 250 7.41 -6.85 -15.31
C GLU A 250 6.43 -6.63 -14.22
N PHE A 251 6.59 -5.52 -13.58
CA PHE A 251 5.51 -4.99 -12.83
C PHE A 251 5.03 -3.77 -13.61
N ILE A 252 3.74 -3.73 -13.94
CA ILE A 252 3.16 -2.64 -14.71
C ILE A 252 2.16 -1.91 -13.86
N HIS A 253 2.35 -0.62 -13.74
CA HIS A 253 1.58 0.16 -12.82
C HIS A 253 0.77 1.20 -13.60
N THR A 254 -0.57 1.04 -13.61
CA THR A 254 -1.43 1.77 -14.52
C THR A 254 -2.36 2.57 -13.65
N PHE A 255 -2.52 3.84 -13.97
CA PHE A 255 -3.34 4.72 -13.16
C PHE A 255 -4.60 5.16 -13.85
N GLY A 256 -5.60 5.39 -13.02
CA GLY A 256 -6.72 6.22 -13.34
C GLY A 256 -6.13 7.59 -13.08
N ASP A 257 -6.61 8.22 -12.01
CA ASP A 257 -6.13 9.54 -11.64
C ASP A 257 -4.83 9.41 -10.83
N ALA A 258 -3.77 10.16 -11.18
CA ALA A 258 -2.58 10.26 -10.35
C ALA A 258 -2.42 11.74 -10.09
N HIS A 259 -2.22 12.12 -8.83
CA HIS A 259 -2.21 13.53 -8.51
C HIS A 259 -1.07 13.94 -7.54
N LEU A 260 -0.90 15.25 -7.43
CA LEU A 260 0.08 15.91 -6.60
C LEU A 260 -0.70 17.04 -5.97
N TYR A 261 -0.56 17.18 -4.67
CA TYR A 261 -1.26 18.22 -3.94
C TYR A 261 -0.54 19.50 -4.13
N VAL A 262 -1.32 20.56 -4.18
CA VAL A 262 -0.82 21.84 -4.61
C VAL A 262 0.15 22.51 -3.58
N ASN A 263 0.23 21.97 -2.36
CA ASN A 263 1.11 22.40 -1.28
C ASN A 263 2.36 21.51 -1.15
N HIS A 264 2.30 20.32 -1.75
CA HIS A 264 3.45 19.41 -1.87
C HIS A 264 4.34 19.69 -3.11
N LEU A 265 4.18 20.81 -3.77
CA LEU A 265 4.92 20.99 -5.02
C LEU A 265 6.45 21.05 -4.93
N ASP A 266 6.98 21.74 -3.92
CA ASP A 266 8.43 21.95 -3.83
C ASP A 266 9.17 20.72 -3.32
N GLN A 267 8.49 19.86 -2.57
CA GLN A 267 9.14 18.64 -2.12
C GLN A 267 9.50 17.73 -3.30
N ILE A 268 8.62 17.68 -4.30
CA ILE A 268 8.82 16.80 -5.41
C ILE A 268 9.79 17.42 -6.41
N LYS A 269 9.75 18.74 -6.53
CA LYS A 269 10.78 19.45 -7.32
C LYS A 269 12.20 19.22 -6.78
N GLU A 270 12.36 19.30 -5.46
CA GLU A 270 13.63 19.02 -4.80
C GLU A 270 14.07 17.58 -5.09
N GLN A 271 13.11 16.65 -5.06
CA GLN A 271 13.44 15.25 -5.32
C GLN A 271 13.88 15.04 -6.76
N LEU A 272 13.28 15.80 -7.66
CA LEU A 272 13.64 15.73 -9.08
C LEU A 272 15.05 16.24 -9.37
N SER A 273 15.71 16.89 -8.39
CA SER A 273 17.14 17.23 -8.58
C SER A 273 18.10 16.08 -8.27
N ARG A 274 17.60 15.00 -7.67
CA ARG A 274 18.46 13.91 -7.25
C ARG A 274 18.65 12.87 -8.36
N THR A 275 19.73 12.11 -8.32
CA THR A 275 20.13 11.26 -9.41
C THR A 275 20.05 9.81 -8.96
N PRO A 276 19.19 8.98 -9.61
CA PRO A 276 19.04 7.59 -9.15
C PRO A 276 20.36 6.89 -8.96
N ARG A 277 20.42 5.98 -7.98
CA ARG A 277 21.58 5.10 -7.76
C ARG A 277 21.16 3.70 -8.16
N PRO A 278 22.09 2.73 -8.25
CA PRO A 278 21.71 1.36 -8.54
C PRO A 278 20.71 0.80 -7.55
N ALA A 279 19.80 -0.04 -8.05
CA ALA A 279 18.63 -0.38 -7.27
C ALA A 279 18.97 -1.53 -6.30
N PRO A 280 18.23 -1.62 -5.20
CA PRO A 280 18.55 -2.72 -4.30
C PRO A 280 18.16 -4.08 -4.93
N THR A 281 18.49 -5.18 -4.25
CA THR A 281 18.18 -6.52 -4.73
C THR A 281 17.37 -7.15 -3.61
N LEU A 282 16.45 -8.05 -3.94
CA LEU A 282 15.67 -8.71 -2.90
C LEU A 282 16.12 -10.16 -2.74
N GLN A 283 16.08 -10.66 -1.51
CA GLN A 283 16.43 -12.07 -1.23
C GLN A 283 15.28 -12.64 -0.44
N LEU A 284 14.80 -13.81 -0.85
CA LEU A 284 13.67 -14.45 -0.20
C LEU A 284 14.05 -15.82 0.34
N ASN A 285 13.47 -16.20 1.48
CA ASN A 285 13.82 -17.50 2.07
C ASN A 285 13.73 -18.66 1.06
N PRO A 286 14.88 -19.21 0.63
CA PRO A 286 14.97 -20.16 -0.50
C PRO A 286 14.43 -21.53 -0.20
N ASP A 287 13.98 -21.71 1.04
CA ASP A 287 13.58 -22.99 1.55
C ASP A 287 12.14 -22.87 2.06
N LYS A 288 11.56 -21.67 1.99
CA LYS A 288 10.14 -21.53 2.28
C LYS A 288 9.30 -21.06 1.04
N HIS A 289 8.02 -21.46 0.96
CA HIS A 289 7.19 -21.26 -0.26
C HIS A 289 5.72 -20.82 -0.09
N ASP A 290 5.14 -20.99 1.09
CA ASP A 290 3.78 -20.54 1.30
C ASP A 290 3.77 -19.11 1.83
N ILE A 291 3.59 -18.16 0.91
CA ILE A 291 3.71 -16.75 1.21
C ILE A 291 2.67 -16.31 2.22
N PHE A 292 1.58 -17.07 2.32
CA PHE A 292 0.59 -16.77 3.36
C PHE A 292 1.13 -17.03 4.80
N ASP A 293 2.25 -17.76 4.89
CA ASP A 293 2.98 -18.05 6.13
C ASP A 293 4.37 -17.32 6.23
N PHE A 294 4.76 -16.56 5.22
CA PHE A 294 6.04 -15.81 5.28
C PHE A 294 6.10 -14.87 6.45
N ASP A 295 7.28 -14.66 7.02
CA ASP A 295 7.39 -13.52 7.96
C ASP A 295 8.51 -12.58 7.64
N MET A 296 8.67 -11.56 8.49
CA MET A 296 9.58 -10.42 8.24
C MET A 296 10.91 -10.91 7.86
N LYS A 297 11.35 -11.91 8.59
CA LYS A 297 12.70 -12.41 8.49
C LYS A 297 12.93 -13.18 7.16
N ASP A 298 11.85 -13.63 6.54
CA ASP A 298 11.97 -14.37 5.25
C ASP A 298 12.18 -13.46 4.06
N ILE A 299 12.14 -12.16 4.29
CA ILE A 299 12.28 -11.18 3.21
C ILE A 299 13.45 -10.26 3.51
N LYS A 300 14.46 -10.26 2.65
CA LYS A 300 15.59 -9.34 2.81
C LYS A 300 15.93 -8.47 1.59
N LEU A 301 16.21 -7.21 1.87
CA LEU A 301 16.62 -6.24 0.89
C LEU A 301 18.13 -5.94 1.01
N LEU A 302 18.92 -6.23 -0.02
CA LEU A 302 20.36 -5.95 -0.06
C LEU A 302 20.68 -4.66 -0.78
N ASN A 303 21.55 -3.83 -0.19
CA ASN A 303 22.30 -2.82 -0.93
C ASN A 303 21.45 -1.63 -1.31
N TYR A 304 20.60 -1.24 -0.38
CA TYR A 304 19.68 -0.16 -0.60
C TYR A 304 20.35 1.06 -0.07
N ASP A 305 20.57 2.00 -0.98
CA ASP A 305 21.41 3.16 -0.71
C ASP A 305 20.71 4.40 -1.12
N PRO A 306 19.71 4.89 -0.33
CA PRO A 306 18.91 6.02 -0.71
C PRO A 306 19.40 7.38 -0.25
N TYR A 307 18.98 8.40 -0.96
CA TYR A 307 19.08 9.76 -0.52
C TYR A 307 18.18 9.86 0.69
N PRO A 308 18.19 11.03 1.39
CA PRO A 308 17.41 11.15 2.61
C PRO A 308 15.93 11.20 2.37
N ALA A 309 15.18 10.89 3.44
CA ALA A 309 13.74 11.04 3.47
C ALA A 309 13.38 12.48 3.31
N ILE A 310 12.17 12.67 2.79
CA ILE A 310 11.59 13.98 2.68
C ILE A 310 10.35 14.12 3.60
N LYS A 311 10.59 14.74 4.78
CA LYS A 311 9.61 15.52 5.58
C LYS A 311 8.14 15.09 5.58
#